data_6N8I
#
_entry.id   6N8I
#
loop_
_entity.id
_entity.type
_entity.pdbx_description
1 polymer "RNA (5'-R(*CP*GP*CP*AP*UP*UP*CP*GP*AP*CP*GP*C)-3')"
2 polymer "RNA (5'-R(*GP*CP*GP*UP*UP*UP*CP*GP*UP*GP*CP*G)-3')"
#
loop_
_entity_poly.entity_id
_entity_poly.type
_entity_poly.pdbx_seq_one_letter_code
_entity_poly.pdbx_strand_id
1 'polyribonucleotide' CGCAUUCGACGC A
2 'polyribonucleotide' GCGUUUCGUGCG B
#